data_8ANN
# 
_entry.id   8ANN 
# 
_audit_conform.dict_name       mmcif_pdbx.dic 
_audit_conform.dict_version    5.394 
_audit_conform.dict_location   http://mmcif.pdb.org/dictionaries/ascii/mmcif_pdbx.dic 
# 
loop_
_database_2.database_id 
_database_2.database_code 
_database_2.pdbx_database_accession 
_database_2.pdbx_DOI 
PDB   8ANN         pdb_00008ann 10.2210/pdb8ann/pdb 
WWPDB D_1292124784 ?            ?                   
# 
loop_
_pdbx_audit_revision_history.ordinal 
_pdbx_audit_revision_history.data_content_type 
_pdbx_audit_revision_history.major_revision 
_pdbx_audit_revision_history.minor_revision 
_pdbx_audit_revision_history.revision_date 
1 'Structure model' 1 0 2023-08-02 
2 'Structure model' 1 1 2023-08-09 
3 'Structure model' 1 2 2024-06-19 
# 
_pdbx_audit_revision_details.ordinal             1 
_pdbx_audit_revision_details.revision_ordinal    1 
_pdbx_audit_revision_details.data_content_type   'Structure model' 
_pdbx_audit_revision_details.provider            repository 
_pdbx_audit_revision_details.type                'Initial release' 
_pdbx_audit_revision_details.description         ? 
_pdbx_audit_revision_details.details             ? 
# 
loop_
_pdbx_audit_revision_group.ordinal 
_pdbx_audit_revision_group.revision_ordinal 
_pdbx_audit_revision_group.data_content_type 
_pdbx_audit_revision_group.group 
1 2 'Structure model' 'Database references' 
2 3 'Structure model' 'Data collection'     
# 
loop_
_pdbx_audit_revision_category.ordinal 
_pdbx_audit_revision_category.revision_ordinal 
_pdbx_audit_revision_category.data_content_type 
_pdbx_audit_revision_category.category 
1 2 'Structure model' citation        
2 2 'Structure model' citation_author 
3 3 'Structure model' chem_comp_atom  
4 3 'Structure model' chem_comp_bond  
# 
loop_
_pdbx_audit_revision_item.ordinal 
_pdbx_audit_revision_item.revision_ordinal 
_pdbx_audit_revision_item.data_content_type 
_pdbx_audit_revision_item.item 
1  2 'Structure model' '_citation.country'                 
2  2 'Structure model' '_citation.journal_abbrev'          
3  2 'Structure model' '_citation.journal_id_CSD'          
4  2 'Structure model' '_citation.journal_id_ISSN'         
5  2 'Structure model' '_citation.journal_volume'          
6  2 'Structure model' '_citation.page_first'              
7  2 'Structure model' '_citation.page_last'               
8  2 'Structure model' '_citation.pdbx_database_id_DOI'    
9  2 'Structure model' '_citation.pdbx_database_id_PubMed' 
10 2 'Structure model' '_citation.title'                   
11 2 'Structure model' '_citation.year'                    
# 
_pdbx_database_status.status_code                     REL 
_pdbx_database_status.status_code_sf                  REL 
_pdbx_database_status.status_code_mr                  ? 
_pdbx_database_status.entry_id                        8ANN 
_pdbx_database_status.recvd_initial_deposition_date   2022-08-05 
_pdbx_database_status.SG_entry                        N 
_pdbx_database_status.deposit_site                    PDBE 
_pdbx_database_status.process_site                    PDBE 
_pdbx_database_status.status_code_cs                  ? 
_pdbx_database_status.status_code_nmr_data            ? 
_pdbx_database_status.methods_development_category    ? 
_pdbx_database_status.pdb_format_compatible           Y 
# 
_pdbx_contact_author.id                 2 
_pdbx_contact_author.email              perczel.andras@ttk.elte.hu 
_pdbx_contact_author.name_first         Andras 
_pdbx_contact_author.name_last          Perczel 
_pdbx_contact_author.name_mi            ? 
_pdbx_contact_author.role               'principal investigator/group leader' 
_pdbx_contact_author.identifier_ORCID   0000-0003-1252-6416 
# 
_audit_author.name               'Durvanger, Z.' 
_audit_author.pdbx_ordinal       1 
_audit_author.identifier_ORCID   0000-0002-2652-4916 
# 
_citation.abstract                  ? 
_citation.abstract_id_CAS           ? 
_citation.book_id_ISBN              ? 
_citation.book_publisher            ? 
_citation.book_publisher_city       ? 
_citation.book_title                ? 
_citation.coordinate_linkage        ? 
_citation.country                   UK 
_citation.database_id_Medline       ? 
_citation.details                   ? 
_citation.id                        primary 
_citation.journal_abbrev            'Nat Commun' 
_citation.journal_id_ASTM           ? 
_citation.journal_id_CSD            ? 
_citation.journal_id_ISSN           2041-1723 
_citation.journal_full              ? 
_citation.journal_issue             ? 
_citation.journal_volume            14 
_citation.language                  ? 
_citation.page_first                4621 
_citation.page_last                 4621 
_citation.title                     
'Polymorphic amyloid nanostructures of hormone peptides involved in glucose homeostasis display reversible amyloid formation.' 
_citation.year                      2023 
_citation.database_id_CSD           ? 
_citation.pdbx_database_id_DOI      10.1038/s41467-023-40294-x 
_citation.pdbx_database_id_PubMed   37528104 
_citation.pdbx_database_id_patent   ? 
_citation.unpublished_flag          ? 
# 
loop_
_citation_author.citation_id 
_citation_author.name 
_citation_author.ordinal 
_citation_author.identifier_ORCID 
primary 'Horvath, D.'      1 0000-0001-8239-3933 
primary 'Durvanger, Z.'    2 0000-0002-2652-4916 
primary 'K Menyhard, D.'   3 0000-0002-0095-5531 
primary 'Sulyok-Eiler, M.' 4 ?                   
primary 'Bencs, F.'        5 0009-0003-9246-2228 
primary 'Gyulai, G.'       6 0000-0002-1352-2014 
primary 'Horvath, P.'      7 0000-0001-7149-4173 
primary 'Taricska, N.'     8 ?                   
primary 'Perczel, A.'      9 0000-0003-1252-6416 
# 
loop_
_entity.id 
_entity.type 
_entity.src_method 
_entity.pdbx_description 
_entity.formula_weight 
_entity.pdbx_number_of_molecules 
_entity.pdbx_ec 
_entity.pdbx_mutation 
_entity.pdbx_fragment 
_entity.details 
1 polymer syn 'Peptide LFIEWL from exendin-4' 819.986 1 ? ? ? ? 
2 water   nat water                           18.015  5 ? ? ? ? 
# 
_entity_poly.entity_id                      1 
_entity_poly.type                           'polypeptide(L)' 
_entity_poly.nstd_linkage                   no 
_entity_poly.nstd_monomer                   no 
_entity_poly.pdbx_seq_one_letter_code       LFIEWL 
_entity_poly.pdbx_seq_one_letter_code_can   LFIEWL 
_entity_poly.pdbx_strand_id                 A 
_entity_poly.pdbx_target_identifier         ? 
# 
_pdbx_entity_nonpoly.entity_id   2 
_pdbx_entity_nonpoly.name        water 
_pdbx_entity_nonpoly.comp_id     HOH 
# 
loop_
_entity_poly_seq.entity_id 
_entity_poly_seq.num 
_entity_poly_seq.mon_id 
_entity_poly_seq.hetero 
1 1 LEU n 
1 2 PHE n 
1 3 ILE n 
1 4 GLU n 
1 5 TRP n 
1 6 LEU n 
# 
_pdbx_entity_src_syn.entity_id              1 
_pdbx_entity_src_syn.pdbx_src_id            1 
_pdbx_entity_src_syn.pdbx_alt_source_flag   sample 
_pdbx_entity_src_syn.pdbx_beg_seq_num       1 
_pdbx_entity_src_syn.pdbx_end_seq_num       6 
_pdbx_entity_src_syn.organism_scientific    'Heloderma suspectum' 
_pdbx_entity_src_syn.organism_common_name   ? 
_pdbx_entity_src_syn.ncbi_taxonomy_id       8554 
_pdbx_entity_src_syn.details                ? 
# 
loop_
_chem_comp.id 
_chem_comp.type 
_chem_comp.mon_nstd_flag 
_chem_comp.name 
_chem_comp.pdbx_synonyms 
_chem_comp.formula 
_chem_comp.formula_weight 
GLU 'L-peptide linking' y 'GLUTAMIC ACID' ? 'C5 H9 N O4'    147.129 
HOH non-polymer         . WATER           ? 'H2 O'          18.015  
ILE 'L-peptide linking' y ISOLEUCINE      ? 'C6 H13 N O2'   131.173 
LEU 'L-peptide linking' y LEUCINE         ? 'C6 H13 N O2'   131.173 
PHE 'L-peptide linking' y PHENYLALANINE   ? 'C9 H11 N O2'   165.189 
TRP 'L-peptide linking' y TRYPTOPHAN      ? 'C11 H12 N2 O2' 204.225 
# 
loop_
_pdbx_poly_seq_scheme.asym_id 
_pdbx_poly_seq_scheme.entity_id 
_pdbx_poly_seq_scheme.seq_id 
_pdbx_poly_seq_scheme.mon_id 
_pdbx_poly_seq_scheme.ndb_seq_num 
_pdbx_poly_seq_scheme.pdb_seq_num 
_pdbx_poly_seq_scheme.auth_seq_num 
_pdbx_poly_seq_scheme.pdb_mon_id 
_pdbx_poly_seq_scheme.auth_mon_id 
_pdbx_poly_seq_scheme.pdb_strand_id 
_pdbx_poly_seq_scheme.pdb_ins_code 
_pdbx_poly_seq_scheme.hetero 
A 1 1 LEU 1 1 1 LEU LEU A . n 
A 1 2 PHE 2 2 2 PHE PHE A . n 
A 1 3 ILE 3 3 3 ILE ILE A . n 
A 1 4 GLU 4 4 4 GLU GLU A . n 
A 1 5 TRP 5 5 5 TRP TRP A . n 
A 1 6 LEU 6 6 6 LEU LEU A . n 
# 
loop_
_pdbx_nonpoly_scheme.asym_id 
_pdbx_nonpoly_scheme.entity_id 
_pdbx_nonpoly_scheme.mon_id 
_pdbx_nonpoly_scheme.ndb_seq_num 
_pdbx_nonpoly_scheme.pdb_seq_num 
_pdbx_nonpoly_scheme.auth_seq_num 
_pdbx_nonpoly_scheme.pdb_mon_id 
_pdbx_nonpoly_scheme.auth_mon_id 
_pdbx_nonpoly_scheme.pdb_strand_id 
_pdbx_nonpoly_scheme.pdb_ins_code 
B 2 HOH 1 101 3 HOH HOH A . 
B 2 HOH 2 102 2 HOH HOH A . 
B 2 HOH 3 103 1 HOH HOH A . 
B 2 HOH 4 104 4 HOH HOH A . 
B 2 HOH 5 105 5 HOH HOH A . 
# 
loop_
_software.citation_id 
_software.classification 
_software.compiler_name 
_software.compiler_version 
_software.contact_author 
_software.contact_author_email 
_software.date 
_software.description 
_software.dependencies 
_software.hardware 
_software.language 
_software.location 
_software.mods 
_software.name 
_software.os 
_software.os_version 
_software.type 
_software.version 
_software.pdbx_ordinal 
? refinement       ? ? ? ? ? ? ? ? ? ? ? PHENIX      ? ? ? 1.19.2_4158 1 
? 'data reduction' ? ? ? ? ? ? ? ? ? ? ? CrysalisPro ? ? ? .           2 
? 'data scaling'   ? ? ? ? ? ? ? ? ? ? ? CrysalisPro ? ? ? .           3 
? phasing          ? ? ? ? ? ? ? ? ? ? ? PHASER      ? ? ? .           4 
# 
_cell.angle_alpha                  90.000 
_cell.angle_alpha_esd              ? 
_cell.angle_beta                   90.000 
_cell.angle_beta_esd               ? 
_cell.angle_gamma                  90.000 
_cell.angle_gamma_esd              ? 
_cell.entry_id                     8ANN 
_cell.details                      ? 
_cell.formula_units_Z              ? 
_cell.length_a                     9.547 
_cell.length_a_esd                 ? 
_cell.length_b                     23.404 
_cell.length_b_esd                 ? 
_cell.length_c                     44.050 
_cell.length_c_esd                 ? 
_cell.volume                       9842.443 
_cell.volume_esd                   ? 
_cell.Z_PDB                        8 
_cell.reciprocal_angle_alpha       ? 
_cell.reciprocal_angle_beta        ? 
_cell.reciprocal_angle_gamma       ? 
_cell.reciprocal_angle_alpha_esd   ? 
_cell.reciprocal_angle_beta_esd    ? 
_cell.reciprocal_angle_gamma_esd   ? 
_cell.reciprocal_length_a          ? 
_cell.reciprocal_length_b          ? 
_cell.reciprocal_length_c          ? 
_cell.reciprocal_length_a_esd      ? 
_cell.reciprocal_length_b_esd      ? 
_cell.reciprocal_length_c_esd      ? 
_cell.pdbx_unique_axis             ? 
_cell.pdbx_esd_method              ? 
# 
_symmetry.entry_id                         8ANN 
_symmetry.cell_setting                     ? 
_symmetry.Int_Tables_number                23 
_symmetry.space_group_name_Hall            'I 2 2' 
_symmetry.space_group_name_H-M             'I 2 2 2' 
_symmetry.pdbx_full_space_group_name_H-M   ? 
# 
_exptl.absorpt_coefficient_mu     ? 
_exptl.absorpt_correction_T_max   ? 
_exptl.absorpt_correction_T_min   ? 
_exptl.absorpt_correction_type    ? 
_exptl.absorpt_process_details    ? 
_exptl.entry_id                   8ANN 
_exptl.crystals_number            1 
_exptl.details                    ? 
_exptl.method                     'X-RAY DIFFRACTION' 
_exptl.method_details             ? 
# 
_exptl_crystal.colour                       ? 
_exptl_crystal.density_diffrn               ? 
_exptl_crystal.density_Matthews             1.50 
_exptl_crystal.density_method               ? 
_exptl_crystal.density_percent_sol          18.02 
_exptl_crystal.description                  ? 
_exptl_crystal.F_000                        ? 
_exptl_crystal.id                           1 
_exptl_crystal.preparation                  ? 
_exptl_crystal.size_max                     ? 
_exptl_crystal.size_mid                     ? 
_exptl_crystal.size_min                     ? 
_exptl_crystal.size_rad                     ? 
_exptl_crystal.colour_lustre                ? 
_exptl_crystal.colour_modifier              ? 
_exptl_crystal.colour_primary               ? 
_exptl_crystal.density_meas                 ? 
_exptl_crystal.density_meas_esd             ? 
_exptl_crystal.density_meas_gt              ? 
_exptl_crystal.density_meas_lt              ? 
_exptl_crystal.density_meas_temp            ? 
_exptl_crystal.density_meas_temp_esd        ? 
_exptl_crystal.density_meas_temp_gt         ? 
_exptl_crystal.density_meas_temp_lt         ? 
_exptl_crystal.pdbx_crystal_image_url       ? 
_exptl_crystal.pdbx_crystal_image_format    ? 
_exptl_crystal.pdbx_mosaicity               ? 
_exptl_crystal.pdbx_mosaicity_esd           ? 
_exptl_crystal.pdbx_mosaic_method           ? 
_exptl_crystal.pdbx_mosaic_block_size       ? 
_exptl_crystal.pdbx_mosaic_block_size_esd   ? 
# 
_exptl_crystal_grow.apparatus       ? 
_exptl_crystal_grow.atmosphere      ? 
_exptl_crystal_grow.crystal_id      1 
_exptl_crystal_grow.details         ? 
_exptl_crystal_grow.method          'EVAPORATION, RECRYSTALLIZATION' 
_exptl_crystal_grow.method_ref      ? 
_exptl_crystal_grow.pH              ? 
_exptl_crystal_grow.pressure        ? 
_exptl_crystal_grow.pressure_esd    ? 
_exptl_crystal_grow.seeding         ? 
_exptl_crystal_grow.seeding_ref     ? 
_exptl_crystal_grow.temp            310 
_exptl_crystal_grow.temp_details    ? 
_exptl_crystal_grow.temp_esd        ? 
_exptl_crystal_grow.time            ? 
_exptl_crystal_grow.pdbx_details    
;Lyophilized peptide was dissolved in 0.15 - 0.5 mg/ml concentration in a solution containing 30% acetonitrile and 0.1 % TFA and incubated at 310K for several weeks.
;
_exptl_crystal_grow.pdbx_pH_range   ? 
# 
_diffrn.ambient_environment              ? 
_diffrn.ambient_temp                     100 
_diffrn.ambient_temp_details             ? 
_diffrn.ambient_temp_esd                 ? 
_diffrn.crystal_id                       1 
_diffrn.crystal_support                  ? 
_diffrn.crystal_treatment                ? 
_diffrn.details                          ? 
_diffrn.id                               1 
_diffrn.ambient_pressure                 ? 
_diffrn.ambient_pressure_esd             ? 
_diffrn.ambient_pressure_gt              ? 
_diffrn.ambient_pressure_lt              ? 
_diffrn.ambient_temp_gt                  ? 
_diffrn.ambient_temp_lt                  ? 
_diffrn.pdbx_serial_crystal_experiment   N 
# 
_diffrn_detector.details                      ? 
_diffrn_detector.detector                     PIXEL 
_diffrn_detector.diffrn_id                    1 
_diffrn_detector.type                         'RIGAKU HyPix-6000HE' 
_diffrn_detector.area_resol_mean              ? 
_diffrn_detector.dtime                        ? 
_diffrn_detector.pdbx_frames_total            ? 
_diffrn_detector.pdbx_collection_time_total   ? 
_diffrn_detector.pdbx_collection_date         2021-10-13 
_diffrn_detector.pdbx_frequency               ? 
# 
_diffrn_radiation.collimation                      ? 
_diffrn_radiation.diffrn_id                        1 
_diffrn_radiation.filter_edge                      ? 
_diffrn_radiation.inhomogeneity                    ? 
_diffrn_radiation.monochromator                    ? 
_diffrn_radiation.polarisn_norm                    ? 
_diffrn_radiation.polarisn_ratio                   ? 
_diffrn_radiation.probe                            ? 
_diffrn_radiation.type                             ? 
_diffrn_radiation.xray_symbol                      ? 
_diffrn_radiation.wavelength_id                    1 
_diffrn_radiation.pdbx_monochromatic_or_laue_m_l   M 
_diffrn_radiation.pdbx_wavelength_list             ? 
_diffrn_radiation.pdbx_wavelength                  ? 
_diffrn_radiation.pdbx_diffrn_protocol             'SINGLE WAVELENGTH' 
_diffrn_radiation.pdbx_analyzer                    ? 
_diffrn_radiation.pdbx_scattering_type             x-ray 
# 
_diffrn_radiation_wavelength.id           1 
_diffrn_radiation_wavelength.wavelength   1.54184 
_diffrn_radiation_wavelength.wt           1.0 
# 
_diffrn_source.current                     ? 
_diffrn_source.details                     ? 
_diffrn_source.diffrn_id                   1 
_diffrn_source.power                       ? 
_diffrn_source.size                        ? 
_diffrn_source.source                      'ROTATING ANODE' 
_diffrn_source.target                      ? 
_diffrn_source.type                        'RIGAKU PhotonJet-R' 
_diffrn_source.voltage                     ? 
_diffrn_source.take-off_angle              ? 
_diffrn_source.pdbx_wavelength_list        1.54184 
_diffrn_source.pdbx_wavelength             ? 
_diffrn_source.pdbx_synchrotron_beamline   ? 
_diffrn_source.pdbx_synchrotron_site       ? 
# 
_reflns.B_iso_Wilson_estimate                          8.78 
_reflns.entry_id                                       8ANN 
_reflns.data_reduction_details                         ? 
_reflns.data_reduction_method                          ? 
_reflns.d_resolution_high                              1.24 
_reflns.d_resolution_low                               20.67 
_reflns.details                                        ? 
_reflns.limit_h_max                                    ? 
_reflns.limit_h_min                                    ? 
_reflns.limit_k_max                                    ? 
_reflns.limit_k_min                                    ? 
_reflns.limit_l_max                                    ? 
_reflns.limit_l_min                                    ? 
_reflns.number_all                                     ? 
_reflns.number_obs                                     1514 
_reflns.observed_criterion                             ? 
_reflns.observed_criterion_F_max                       ? 
_reflns.observed_criterion_F_min                       ? 
_reflns.observed_criterion_I_max                       ? 
_reflns.observed_criterion_I_min                       ? 
_reflns.observed_criterion_sigma_F                     ? 
_reflns.observed_criterion_sigma_I                     ? 
_reflns.percent_possible_obs                           96.49 
_reflns.R_free_details                                 ? 
_reflns.Rmerge_F_all                                   ? 
_reflns.Rmerge_F_obs                                   ? 
_reflns.Friedel_coverage                               ? 
_reflns.number_gt                                      ? 
_reflns.threshold_expression                           ? 
_reflns.pdbx_redundancy                                8.26 
_reflns.pdbx_Rmerge_I_obs                              ? 
_reflns.pdbx_Rmerge_I_all                              ? 
_reflns.pdbx_Rsym_value                                ? 
_reflns.pdbx_netI_over_av_sigmaI                       ? 
_reflns.pdbx_netI_over_sigmaI                          9.5 
_reflns.pdbx_res_netI_over_av_sigmaI_2                 ? 
_reflns.pdbx_res_netI_over_sigmaI_2                    ? 
_reflns.pdbx_chi_squared                               ? 
_reflns.pdbx_scaling_rejects                           ? 
_reflns.pdbx_d_res_high_opt                            ? 
_reflns.pdbx_d_res_low_opt                             ? 
_reflns.pdbx_d_res_opt_method                          ? 
_reflns.phase_calculation_details                      ? 
_reflns.pdbx_Rrim_I_all                                0.115 
_reflns.pdbx_Rpim_I_all                                ? 
_reflns.pdbx_d_opt                                     ? 
_reflns.pdbx_number_measured_all                       ? 
_reflns.pdbx_diffrn_id                                 1 
_reflns.pdbx_ordinal                                   1 
_reflns.pdbx_CC_half                                   1.000 
_reflns.pdbx_CC_star                                   ? 
_reflns.pdbx_R_split                                   ? 
_reflns.pdbx_aniso_diffraction_limit_axis_1_ortho[1]   ? 
_reflns.pdbx_aniso_diffraction_limit_axis_1_ortho[2]   ? 
_reflns.pdbx_aniso_diffraction_limit_axis_1_ortho[3]   ? 
_reflns.pdbx_aniso_diffraction_limit_axis_2_ortho[1]   ? 
_reflns.pdbx_aniso_diffraction_limit_axis_2_ortho[2]   ? 
_reflns.pdbx_aniso_diffraction_limit_axis_2_ortho[3]   ? 
_reflns.pdbx_aniso_diffraction_limit_axis_3_ortho[1]   ? 
_reflns.pdbx_aniso_diffraction_limit_axis_3_ortho[2]   ? 
_reflns.pdbx_aniso_diffraction_limit_axis_3_ortho[3]   ? 
_reflns.pdbx_aniso_diffraction_limit_1                 ? 
_reflns.pdbx_aniso_diffraction_limit_2                 ? 
_reflns.pdbx_aniso_diffraction_limit_3                 ? 
_reflns.pdbx_aniso_B_tensor_eigenvector_1_ortho[1]     ? 
_reflns.pdbx_aniso_B_tensor_eigenvector_1_ortho[2]     ? 
_reflns.pdbx_aniso_B_tensor_eigenvector_1_ortho[3]     ? 
_reflns.pdbx_aniso_B_tensor_eigenvector_2_ortho[1]     ? 
_reflns.pdbx_aniso_B_tensor_eigenvector_2_ortho[2]     ? 
_reflns.pdbx_aniso_B_tensor_eigenvector_2_ortho[3]     ? 
_reflns.pdbx_aniso_B_tensor_eigenvector_3_ortho[1]     ? 
_reflns.pdbx_aniso_B_tensor_eigenvector_3_ortho[2]     ? 
_reflns.pdbx_aniso_B_tensor_eigenvector_3_ortho[3]     ? 
_reflns.pdbx_aniso_B_tensor_eigenvalue_1               ? 
_reflns.pdbx_aniso_B_tensor_eigenvalue_2               ? 
_reflns.pdbx_aniso_B_tensor_eigenvalue_3               ? 
_reflns.pdbx_orthogonalization_convention              ? 
_reflns.pdbx_percent_possible_ellipsoidal              ? 
_reflns.pdbx_percent_possible_spherical                ? 
_reflns.pdbx_percent_possible_ellipsoidal_anomalous    ? 
_reflns.pdbx_percent_possible_spherical_anomalous      ? 
_reflns.pdbx_redundancy_anomalous                      ? 
_reflns.pdbx_CC_half_anomalous                         ? 
_reflns.pdbx_absDiff_over_sigma_anomalous              ? 
_reflns.pdbx_percent_possible_anomalous                ? 
_reflns.pdbx_observed_signal_threshold                 ? 
_reflns.pdbx_signal_type                               ? 
_reflns.pdbx_signal_details                            ? 
_reflns.pdbx_signal_software_id                        ? 
_reflns.pdbx_CC_split_method                           ? 
# 
_reflns_shell.d_res_high                                    1.24 
_reflns_shell.d_res_low                                     1.29 
_reflns_shell.meanI_over_sigI_all                           ? 
_reflns_shell.meanI_over_sigI_obs                           1.4 
_reflns_shell.number_measured_all                           ? 
_reflns_shell.number_measured_obs                           ? 
_reflns_shell.number_possible                               ? 
_reflns_shell.number_unique_all                             ? 
_reflns_shell.number_unique_obs                             94 
_reflns_shell.percent_possible_all                          ? 
_reflns_shell.percent_possible_obs                          ? 
_reflns_shell.Rmerge_F_all                                  ? 
_reflns_shell.Rmerge_F_obs                                  ? 
_reflns_shell.Rmerge_I_all                                  ? 
_reflns_shell.Rmerge_I_obs                                  ? 
_reflns_shell.meanI_over_sigI_gt                            ? 
_reflns_shell.meanI_over_uI_all                             ? 
_reflns_shell.meanI_over_uI_gt                              ? 
_reflns_shell.number_measured_gt                            ? 
_reflns_shell.number_unique_gt                              ? 
_reflns_shell.percent_possible_gt                           ? 
_reflns_shell.Rmerge_F_gt                                   ? 
_reflns_shell.Rmerge_I_gt                                   ? 
_reflns_shell.pdbx_redundancy                               ? 
_reflns_shell.pdbx_Rsym_value                               ? 
_reflns_shell.pdbx_chi_squared                              ? 
_reflns_shell.pdbx_netI_over_sigmaI_all                     ? 
_reflns_shell.pdbx_netI_over_sigmaI_obs                     ? 
_reflns_shell.pdbx_Rrim_I_all                               0.904 
_reflns_shell.pdbx_Rpim_I_all                               ? 
_reflns_shell.pdbx_rejects                                  ? 
_reflns_shell.pdbx_ordinal                                  1 
_reflns_shell.pdbx_diffrn_id                                1 
_reflns_shell.pdbx_CC_half                                  0.977 
_reflns_shell.pdbx_CC_star                                  ? 
_reflns_shell.pdbx_R_split                                  ? 
_reflns_shell.pdbx_percent_possible_ellipsoidal             ? 
_reflns_shell.pdbx_percent_possible_spherical               ? 
_reflns_shell.pdbx_percent_possible_ellipsoidal_anomalous   ? 
_reflns_shell.pdbx_percent_possible_spherical_anomalous     ? 
_reflns_shell.pdbx_redundancy_anomalous                     ? 
_reflns_shell.pdbx_CC_half_anomalous                        ? 
_reflns_shell.pdbx_absDiff_over_sigma_anomalous             ? 
_reflns_shell.pdbx_percent_possible_anomalous               ? 
# 
_refine.aniso_B[1][1]                            ? 
_refine.aniso_B[1][2]                            ? 
_refine.aniso_B[1][3]                            ? 
_refine.aniso_B[2][2]                            ? 
_refine.aniso_B[2][3]                            ? 
_refine.aniso_B[3][3]                            ? 
_refine.B_iso_max                                ? 
_refine.B_iso_mean                               15.82 
_refine.B_iso_min                                ? 
_refine.correlation_coeff_Fo_to_Fc               ? 
_refine.correlation_coeff_Fo_to_Fc_free          ? 
_refine.details                                  ? 
_refine.diff_density_max                         ? 
_refine.diff_density_max_esd                     ? 
_refine.diff_density_min                         ? 
_refine.diff_density_min_esd                     ? 
_refine.diff_density_rms                         ? 
_refine.diff_density_rms_esd                     ? 
_refine.entry_id                                 8ANN 
_refine.pdbx_refine_id                           'X-RAY DIFFRACTION' 
_refine.ls_abs_structure_details                 ? 
_refine.ls_abs_structure_Flack                   ? 
_refine.ls_abs_structure_Flack_esd               ? 
_refine.ls_abs_structure_Rogers                  ? 
_refine.ls_abs_structure_Rogers_esd              ? 
_refine.ls_d_res_high                            1.24 
_refine.ls_d_res_low                             20.67 
_refine.ls_extinction_coef                       ? 
_refine.ls_extinction_coef_esd                   ? 
_refine.ls_extinction_expression                 ? 
_refine.ls_extinction_method                     ? 
_refine.ls_goodness_of_fit_all                   ? 
_refine.ls_goodness_of_fit_all_esd               ? 
_refine.ls_goodness_of_fit_obs                   ? 
_refine.ls_goodness_of_fit_obs_esd               ? 
_refine.ls_hydrogen_treatment                    ? 
_refine.ls_matrix_type                           ? 
_refine.ls_number_constraints                    ? 
_refine.ls_number_parameters                     ? 
_refine.ls_number_reflns_all                     ? 
_refine.ls_number_reflns_obs                     1482 
_refine.ls_number_reflns_R_free                  149 
_refine.ls_number_reflns_R_work                  1333 
_refine.ls_number_restraints                     ? 
_refine.ls_percent_reflns_obs                    94.46 
_refine.ls_percent_reflns_R_free                 10.05 
_refine.ls_R_factor_all                          ? 
_refine.ls_R_factor_obs                          0.1784 
_refine.ls_R_factor_R_free                       0.1863 
_refine.ls_R_factor_R_free_error                 ? 
_refine.ls_R_factor_R_free_error_details         ? 
_refine.ls_R_factor_R_work                       0.1770 
_refine.ls_R_Fsqd_factor_obs                     ? 
_refine.ls_R_I_factor_obs                        ? 
_refine.ls_redundancy_reflns_all                 ? 
_refine.ls_redundancy_reflns_obs                 ? 
_refine.ls_restrained_S_all                      ? 
_refine.ls_restrained_S_obs                      ? 
_refine.ls_shift_over_esd_max                    ? 
_refine.ls_shift_over_esd_mean                   ? 
_refine.ls_structure_factor_coef                 ? 
_refine.ls_weighting_details                     ? 
_refine.ls_weighting_scheme                      ? 
_refine.ls_wR_factor_all                         ? 
_refine.ls_wR_factor_obs                         ? 
_refine.ls_wR_factor_R_free                      ? 
_refine.ls_wR_factor_R_work                      ? 
_refine.occupancy_max                            ? 
_refine.occupancy_min                            ? 
_refine.solvent_model_details                    'FLAT BULK SOLVENT MODEL' 
_refine.solvent_model_param_bsol                 ? 
_refine.solvent_model_param_ksol                 ? 
_refine.pdbx_R_complete                          ? 
_refine.ls_R_factor_gt                           ? 
_refine.ls_goodness_of_fit_gt                    ? 
_refine.ls_goodness_of_fit_ref                   ? 
_refine.ls_shift_over_su_max                     ? 
_refine.ls_shift_over_su_max_lt                  ? 
_refine.ls_shift_over_su_mean                    ? 
_refine.ls_shift_over_su_mean_lt                 ? 
_refine.pdbx_ls_sigma_I                          ? 
_refine.pdbx_ls_sigma_F                          1.38 
_refine.pdbx_ls_sigma_Fsqd                       ? 
_refine.pdbx_data_cutoff_high_absF               ? 
_refine.pdbx_data_cutoff_high_rms_absF           ? 
_refine.pdbx_data_cutoff_low_absF                ? 
_refine.pdbx_isotropic_thermal_model             ? 
_refine.pdbx_ls_cross_valid_method               'FREE R-VALUE' 
_refine.pdbx_method_to_determine_struct          'MOLECULAR REPLACEMENT' 
_refine.pdbx_starting_model                      'crystal structure of LYIQWL' 
_refine.pdbx_stereochemistry_target_values       'GeoStd + Monomer Library + CDL v1.2' 
_refine.pdbx_R_Free_selection_details            ? 
_refine.pdbx_stereochem_target_val_spec_case     ? 
_refine.pdbx_overall_ESU_R                       ? 
_refine.pdbx_overall_ESU_R_Free                  ? 
_refine.pdbx_solvent_vdw_probe_radii             1.1100 
_refine.pdbx_solvent_ion_probe_radii             ? 
_refine.pdbx_solvent_shrinkage_radii             0.9000 
_refine.pdbx_real_space_R                        ? 
_refine.pdbx_density_correlation                 ? 
_refine.pdbx_pd_number_of_powder_patterns        ? 
_refine.pdbx_pd_number_of_points                 ? 
_refine.pdbx_pd_meas_number_of_points            ? 
_refine.pdbx_pd_proc_ls_prof_R_factor            ? 
_refine.pdbx_pd_proc_ls_prof_wR_factor           ? 
_refine.pdbx_pd_Marquardt_correlation_coeff      ? 
_refine.pdbx_pd_Fsqrd_R_factor                   ? 
_refine.pdbx_pd_ls_matrix_band_width             ? 
_refine.pdbx_overall_phase_error                 16.7081 
_refine.pdbx_overall_SU_R_free_Cruickshank_DPI   ? 
_refine.pdbx_overall_SU_R_free_Blow_DPI          ? 
_refine.pdbx_overall_SU_R_Blow_DPI               ? 
_refine.pdbx_TLS_residual_ADP_flag               ? 
_refine.pdbx_diffrn_id                           1 
_refine.overall_SU_B                             ? 
_refine.overall_SU_ML                            0.1007 
_refine.overall_SU_R_Cruickshank_DPI             ? 
_refine.overall_SU_R_free                        ? 
_refine.overall_FOM_free_R_set                   ? 
_refine.overall_FOM_work_R_set                   ? 
_refine.pdbx_average_fsc_overall                 ? 
_refine.pdbx_average_fsc_work                    ? 
_refine.pdbx_average_fsc_free                    ? 
# 
_refine_hist.pdbx_refine_id                   'X-RAY DIFFRACTION' 
_refine_hist.cycle_id                         LAST 
_refine_hist.details                          ? 
_refine_hist.d_res_high                       1.24 
_refine_hist.d_res_low                        20.67 
_refine_hist.number_atoms_solvent             5 
_refine_hist.number_atoms_total               64 
_refine_hist.number_reflns_all                ? 
_refine_hist.number_reflns_obs                ? 
_refine_hist.number_reflns_R_free             ? 
_refine_hist.number_reflns_R_work             ? 
_refine_hist.R_factor_all                     ? 
_refine_hist.R_factor_obs                     ? 
_refine_hist.R_factor_R_free                  ? 
_refine_hist.R_factor_R_work                  ? 
_refine_hist.pdbx_number_residues_total       ? 
_refine_hist.pdbx_B_iso_mean_ligand           ? 
_refine_hist.pdbx_B_iso_mean_solvent          ? 
_refine_hist.pdbx_number_atoms_protein        59 
_refine_hist.pdbx_number_atoms_nucleic_acid   0 
_refine_hist.pdbx_number_atoms_ligand         0 
_refine_hist.pdbx_number_atoms_lipid          ? 
_refine_hist.pdbx_number_atoms_carb           ? 
_refine_hist.pdbx_pseudo_atom_details         ? 
# 
loop_
_refine_ls_restr.pdbx_refine_id 
_refine_ls_restr.criterion 
_refine_ls_restr.dev_ideal 
_refine_ls_restr.dev_ideal_target 
_refine_ls_restr.number 
_refine_ls_restr.rejects 
_refine_ls_restr.type 
_refine_ls_restr.weight 
_refine_ls_restr.pdbx_restraint_function 
'X-RAY DIFFRACTION' ? 0.0136 ? 88  ? f_bond_d           ? ? 
'X-RAY DIFFRACTION' ? 1.5445 ? 126 ? f_angle_d          ? ? 
'X-RAY DIFFRACTION' ? 0.1379 ? 13  ? f_chiral_restr     ? ? 
'X-RAY DIFFRACTION' ? 0.0093 ? 14  ? f_plane_restr      ? ? 
'X-RAY DIFFRACTION' ? 9.6540 ? 9   ? f_dihedral_angle_d ? ? 
# 
_refine_ls_shell.pdbx_refine_id                   'X-RAY DIFFRACTION' 
_refine_ls_shell.d_res_high                       1.24 
_refine_ls_shell.d_res_low                        20.67 
_refine_ls_shell.number_reflns_all                ? 
_refine_ls_shell.number_reflns_obs                ? 
_refine_ls_shell.number_reflns_R_free             149 
_refine_ls_shell.number_reflns_R_work             1333 
_refine_ls_shell.percent_reflns_obs               94.46 
_refine_ls_shell.percent_reflns_R_free            ? 
_refine_ls_shell.R_factor_all                     ? 
_refine_ls_shell.R_factor_obs                     ? 
_refine_ls_shell.R_factor_R_free                  0.1863 
_refine_ls_shell.R_factor_R_free_error            ? 
_refine_ls_shell.R_factor_R_work                  0.1770 
_refine_ls_shell.redundancy_reflns_all            ? 
_refine_ls_shell.redundancy_reflns_obs            ? 
_refine_ls_shell.wR_factor_all                    ? 
_refine_ls_shell.wR_factor_obs                    ? 
_refine_ls_shell.wR_factor_R_free                 ? 
_refine_ls_shell.wR_factor_R_work                 ? 
_refine_ls_shell.pdbx_R_complete                  ? 
_refine_ls_shell.pdbx_total_number_of_bins_used   ? 
_refine_ls_shell.pdbx_phase_error                 ? 
_refine_ls_shell.pdbx_fsc_work                    ? 
_refine_ls_shell.pdbx_fsc_free                    ? 
# 
_struct.entry_id                     8ANN 
_struct.title                        
'Structure of the amyloid-forming peptide LFIEWL from exendin-4, grown from acetonitrile / water' 
_struct.pdbx_model_details           ? 
_struct.pdbx_formula_weight          ? 
_struct.pdbx_formula_weight_method   ? 
_struct.pdbx_model_type_details      ? 
_struct.pdbx_CASP_flag               N 
# 
_struct_keywords.entry_id        8ANN 
_struct_keywords.text            'amyloid, PROTEIN FIBRIL' 
_struct_keywords.pdbx_keywords   'PROTEIN FIBRIL' 
# 
loop_
_struct_asym.id 
_struct_asym.pdbx_blank_PDB_chainid_flag 
_struct_asym.pdbx_modified 
_struct_asym.entity_id 
_struct_asym.details 
A N N 1 ? 
B N N 2 ? 
# 
_struct_ref.id                         1 
_struct_ref.db_name                    PDB 
_struct_ref.db_code                    8ANN 
_struct_ref.pdbx_db_accession          8ANN 
_struct_ref.pdbx_db_isoform            ? 
_struct_ref.entity_id                  1 
_struct_ref.pdbx_seq_one_letter_code   ? 
_struct_ref.pdbx_align_begin           1 
# 
_struct_ref_seq.align_id                      1 
_struct_ref_seq.ref_id                        1 
_struct_ref_seq.pdbx_PDB_id_code              8ANN 
_struct_ref_seq.pdbx_strand_id                A 
_struct_ref_seq.seq_align_beg                 1 
_struct_ref_seq.pdbx_seq_align_beg_ins_code   ? 
_struct_ref_seq.seq_align_end                 6 
_struct_ref_seq.pdbx_seq_align_end_ins_code   ? 
_struct_ref_seq.pdbx_db_accession             8ANN 
_struct_ref_seq.db_align_beg                  1 
_struct_ref_seq.pdbx_db_align_beg_ins_code    ? 
_struct_ref_seq.db_align_end                  6 
_struct_ref_seq.pdbx_db_align_end_ins_code    ? 
_struct_ref_seq.pdbx_auth_seq_align_beg       1 
_struct_ref_seq.pdbx_auth_seq_align_end       6 
# 
_pdbx_struct_assembly.id                   1 
_pdbx_struct_assembly.details              author_and_software_defined_assembly 
_pdbx_struct_assembly.method_details       PISA 
_pdbx_struct_assembly.oligomeric_details   monomeric 
_pdbx_struct_assembly.oligomeric_count     1 
# 
loop_
_pdbx_struct_assembly_prop.biol_id 
_pdbx_struct_assembly_prop.type 
_pdbx_struct_assembly_prop.value 
_pdbx_struct_assembly_prop.details 
1 'ABSA (A^2)' 0    ? 
1 MORE         0    ? 
1 'SSA (A^2)'  1050 ? 
# 
_pdbx_struct_assembly_gen.assembly_id       1 
_pdbx_struct_assembly_gen.oper_expression   1 
_pdbx_struct_assembly_gen.asym_id_list      A,B 
# 
_pdbx_struct_assembly_auth_evidence.id                     1 
_pdbx_struct_assembly_auth_evidence.assembly_id            1 
_pdbx_struct_assembly_auth_evidence.experimental_support   none 
_pdbx_struct_assembly_auth_evidence.details                'ECD measurements confirmed amyloid formation' 
# 
_pdbx_struct_oper_list.id                   1 
_pdbx_struct_oper_list.type                 'identity operation' 
_pdbx_struct_oper_list.name                 1_555 
_pdbx_struct_oper_list.symmetry_operation   x,y,z 
_pdbx_struct_oper_list.matrix[1][1]         1.0000000000 
_pdbx_struct_oper_list.matrix[1][2]         0.0000000000 
_pdbx_struct_oper_list.matrix[1][3]         0.0000000000 
_pdbx_struct_oper_list.vector[1]            0.0000000000 
_pdbx_struct_oper_list.matrix[2][1]         0.0000000000 
_pdbx_struct_oper_list.matrix[2][2]         1.0000000000 
_pdbx_struct_oper_list.matrix[2][3]         0.0000000000 
_pdbx_struct_oper_list.vector[2]            0.0000000000 
_pdbx_struct_oper_list.matrix[3][1]         0.0000000000 
_pdbx_struct_oper_list.matrix[3][2]         0.0000000000 
_pdbx_struct_oper_list.matrix[3][3]         1.0000000000 
_pdbx_struct_oper_list.vector[3]            0.0000000000 
# 
loop_
_space_group_symop.id 
_space_group_symop.operation_xyz 
1 x,y,z               
2 x,-y,-z             
3 -x,y,-z             
4 -x,-y,z             
5 x+1/2,y+1/2,z+1/2   
6 x+1/2,-y+1/2,-z+1/2 
7 -x+1/2,y+1/2,-z+1/2 
8 -x+1/2,-y+1/2,z+1/2 
# 
loop_
_chem_comp_atom.comp_id 
_chem_comp_atom.atom_id 
_chem_comp_atom.type_symbol 
_chem_comp_atom.pdbx_aromatic_flag 
_chem_comp_atom.pdbx_stereo_config 
_chem_comp_atom.pdbx_ordinal 
GLU N    N N N 1   
GLU CA   C N S 2   
GLU C    C N N 3   
GLU O    O N N 4   
GLU CB   C N N 5   
GLU CG   C N N 6   
GLU CD   C N N 7   
GLU OE1  O N N 8   
GLU OE2  O N N 9   
GLU OXT  O N N 10  
GLU H    H N N 11  
GLU H2   H N N 12  
GLU HA   H N N 13  
GLU HB2  H N N 14  
GLU HB3  H N N 15  
GLU HG2  H N N 16  
GLU HG3  H N N 17  
GLU HE2  H N N 18  
GLU HXT  H N N 19  
HOH O    O N N 20  
HOH H1   H N N 21  
HOH H2   H N N 22  
ILE N    N N N 23  
ILE CA   C N S 24  
ILE C    C N N 25  
ILE O    O N N 26  
ILE CB   C N S 27  
ILE CG1  C N N 28  
ILE CG2  C N N 29  
ILE CD1  C N N 30  
ILE OXT  O N N 31  
ILE H    H N N 32  
ILE H2   H N N 33  
ILE HA   H N N 34  
ILE HB   H N N 35  
ILE HG12 H N N 36  
ILE HG13 H N N 37  
ILE HG21 H N N 38  
ILE HG22 H N N 39  
ILE HG23 H N N 40  
ILE HD11 H N N 41  
ILE HD12 H N N 42  
ILE HD13 H N N 43  
ILE HXT  H N N 44  
LEU N    N N N 45  
LEU CA   C N S 46  
LEU C    C N N 47  
LEU O    O N N 48  
LEU CB   C N N 49  
LEU CG   C N N 50  
LEU CD1  C N N 51  
LEU CD2  C N N 52  
LEU OXT  O N N 53  
LEU H    H N N 54  
LEU H2   H N N 55  
LEU HA   H N N 56  
LEU HB2  H N N 57  
LEU HB3  H N N 58  
LEU HG   H N N 59  
LEU HD11 H N N 60  
LEU HD12 H N N 61  
LEU HD13 H N N 62  
LEU HD21 H N N 63  
LEU HD22 H N N 64  
LEU HD23 H N N 65  
LEU HXT  H N N 66  
PHE N    N N N 67  
PHE CA   C N S 68  
PHE C    C N N 69  
PHE O    O N N 70  
PHE CB   C N N 71  
PHE CG   C Y N 72  
PHE CD1  C Y N 73  
PHE CD2  C Y N 74  
PHE CE1  C Y N 75  
PHE CE2  C Y N 76  
PHE CZ   C Y N 77  
PHE OXT  O N N 78  
PHE H    H N N 79  
PHE H2   H N N 80  
PHE HA   H N N 81  
PHE HB2  H N N 82  
PHE HB3  H N N 83  
PHE HD1  H N N 84  
PHE HD2  H N N 85  
PHE HE1  H N N 86  
PHE HE2  H N N 87  
PHE HZ   H N N 88  
PHE HXT  H N N 89  
TRP N    N N N 90  
TRP CA   C N S 91  
TRP C    C N N 92  
TRP O    O N N 93  
TRP CB   C N N 94  
TRP CG   C Y N 95  
TRP CD1  C Y N 96  
TRP CD2  C Y N 97  
TRP NE1  N Y N 98  
TRP CE2  C Y N 99  
TRP CE3  C Y N 100 
TRP CZ2  C Y N 101 
TRP CZ3  C Y N 102 
TRP CH2  C Y N 103 
TRP OXT  O N N 104 
TRP H    H N N 105 
TRP H2   H N N 106 
TRP HA   H N N 107 
TRP HB2  H N N 108 
TRP HB3  H N N 109 
TRP HD1  H N N 110 
TRP HE1  H N N 111 
TRP HE3  H N N 112 
TRP HZ2  H N N 113 
TRP HZ3  H N N 114 
TRP HH2  H N N 115 
TRP HXT  H N N 116 
# 
loop_
_chem_comp_bond.comp_id 
_chem_comp_bond.atom_id_1 
_chem_comp_bond.atom_id_2 
_chem_comp_bond.value_order 
_chem_comp_bond.pdbx_aromatic_flag 
_chem_comp_bond.pdbx_stereo_config 
_chem_comp_bond.pdbx_ordinal 
GLU N   CA   sing N N 1   
GLU N   H    sing N N 2   
GLU N   H2   sing N N 3   
GLU CA  C    sing N N 4   
GLU CA  CB   sing N N 5   
GLU CA  HA   sing N N 6   
GLU C   O    doub N N 7   
GLU C   OXT  sing N N 8   
GLU CB  CG   sing N N 9   
GLU CB  HB2  sing N N 10  
GLU CB  HB3  sing N N 11  
GLU CG  CD   sing N N 12  
GLU CG  HG2  sing N N 13  
GLU CG  HG3  sing N N 14  
GLU CD  OE1  doub N N 15  
GLU CD  OE2  sing N N 16  
GLU OE2 HE2  sing N N 17  
GLU OXT HXT  sing N N 18  
HOH O   H1   sing N N 19  
HOH O   H2   sing N N 20  
ILE N   CA   sing N N 21  
ILE N   H    sing N N 22  
ILE N   H2   sing N N 23  
ILE CA  C    sing N N 24  
ILE CA  CB   sing N N 25  
ILE CA  HA   sing N N 26  
ILE C   O    doub N N 27  
ILE C   OXT  sing N N 28  
ILE CB  CG1  sing N N 29  
ILE CB  CG2  sing N N 30  
ILE CB  HB   sing N N 31  
ILE CG1 CD1  sing N N 32  
ILE CG1 HG12 sing N N 33  
ILE CG1 HG13 sing N N 34  
ILE CG2 HG21 sing N N 35  
ILE CG2 HG22 sing N N 36  
ILE CG2 HG23 sing N N 37  
ILE CD1 HD11 sing N N 38  
ILE CD1 HD12 sing N N 39  
ILE CD1 HD13 sing N N 40  
ILE OXT HXT  sing N N 41  
LEU N   CA   sing N N 42  
LEU N   H    sing N N 43  
LEU N   H2   sing N N 44  
LEU CA  C    sing N N 45  
LEU CA  CB   sing N N 46  
LEU CA  HA   sing N N 47  
LEU C   O    doub N N 48  
LEU C   OXT  sing N N 49  
LEU CB  CG   sing N N 50  
LEU CB  HB2  sing N N 51  
LEU CB  HB3  sing N N 52  
LEU CG  CD1  sing N N 53  
LEU CG  CD2  sing N N 54  
LEU CG  HG   sing N N 55  
LEU CD1 HD11 sing N N 56  
LEU CD1 HD12 sing N N 57  
LEU CD1 HD13 sing N N 58  
LEU CD2 HD21 sing N N 59  
LEU CD2 HD22 sing N N 60  
LEU CD2 HD23 sing N N 61  
LEU OXT HXT  sing N N 62  
PHE N   CA   sing N N 63  
PHE N   H    sing N N 64  
PHE N   H2   sing N N 65  
PHE CA  C    sing N N 66  
PHE CA  CB   sing N N 67  
PHE CA  HA   sing N N 68  
PHE C   O    doub N N 69  
PHE C   OXT  sing N N 70  
PHE CB  CG   sing N N 71  
PHE CB  HB2  sing N N 72  
PHE CB  HB3  sing N N 73  
PHE CG  CD1  doub Y N 74  
PHE CG  CD2  sing Y N 75  
PHE CD1 CE1  sing Y N 76  
PHE CD1 HD1  sing N N 77  
PHE CD2 CE2  doub Y N 78  
PHE CD2 HD2  sing N N 79  
PHE CE1 CZ   doub Y N 80  
PHE CE1 HE1  sing N N 81  
PHE CE2 CZ   sing Y N 82  
PHE CE2 HE2  sing N N 83  
PHE CZ  HZ   sing N N 84  
PHE OXT HXT  sing N N 85  
TRP N   CA   sing N N 86  
TRP N   H    sing N N 87  
TRP N   H2   sing N N 88  
TRP CA  C    sing N N 89  
TRP CA  CB   sing N N 90  
TRP CA  HA   sing N N 91  
TRP C   O    doub N N 92  
TRP C   OXT  sing N N 93  
TRP CB  CG   sing N N 94  
TRP CB  HB2  sing N N 95  
TRP CB  HB3  sing N N 96  
TRP CG  CD1  doub Y N 97  
TRP CG  CD2  sing Y N 98  
TRP CD1 NE1  sing Y N 99  
TRP CD1 HD1  sing N N 100 
TRP CD2 CE2  doub Y N 101 
TRP CD2 CE3  sing Y N 102 
TRP NE1 CE2  sing Y N 103 
TRP NE1 HE1  sing N N 104 
TRP CE2 CZ2  sing Y N 105 
TRP CE3 CZ3  doub Y N 106 
TRP CE3 HE3  sing N N 107 
TRP CZ2 CH2  doub Y N 108 
TRP CZ2 HZ2  sing N N 109 
TRP CZ3 CH2  sing Y N 110 
TRP CZ3 HZ3  sing N N 111 
TRP CH2 HH2  sing N N 112 
TRP OXT HXT  sing N N 113 
# 
loop_
_pdbx_audit_support.funding_organization 
_pdbx_audit_support.country 
_pdbx_audit_support.grant_number 
_pdbx_audit_support.ordinal 
'Hungarian National Research, Development and Innovation Office' Hungary          2018-1.2.1-NKP-2018-00005 1 
'European Regional Development Fund'                             'European Union' 
'VEKOP-2.3.2-16-2017-00014, VEKOP-2.3.3-15-2017-00018' 2 
'Hungarian National Research, Development and Innovation Office' Hungary          'Thematic Excellence Program Synth+' 3 
# 
_space_group.name_H-M_alt     'I 2 2 2' 
_space_group.name_Hall        'I 2 2' 
_space_group.IT_number        23 
_space_group.crystal_system   orthorhombic 
_space_group.id               1 
# 
_atom_sites.entry_id                    8ANN 
_atom_sites.Cartn_transf_matrix[1][1]   ? 
_atom_sites.Cartn_transf_matrix[1][2]   ? 
_atom_sites.Cartn_transf_matrix[1][3]   ? 
_atom_sites.Cartn_transf_matrix[2][1]   ? 
_atom_sites.Cartn_transf_matrix[2][2]   ? 
_atom_sites.Cartn_transf_matrix[2][3]   ? 
_atom_sites.Cartn_transf_matrix[3][1]   ? 
_atom_sites.Cartn_transf_matrix[3][2]   ? 
_atom_sites.Cartn_transf_matrix[3][3]   ? 
_atom_sites.Cartn_transf_vector[1]      ? 
_atom_sites.Cartn_transf_vector[2]      ? 
_atom_sites.Cartn_transf_vector[3]      ? 
_atom_sites.fract_transf_matrix[1][1]   -0.00482220 
_atom_sites.fract_transf_matrix[1][2]   -0.07206666 
_atom_sites.fract_transf_matrix[1][3]   -0.07585946 
_atom_sites.fract_transf_matrix[2][1]   -0.04128433 
_atom_sites.fract_transf_matrix[2][2]   0.00917479 
_atom_sites.fract_transf_matrix[2][3]   -0.00609172 
_atom_sites.fract_transf_matrix[3][1]   0.00575701 
_atom_sites.fract_transf_matrix[3][2]   0.01573625 
_atom_sites.fract_transf_matrix[3][3]   -0.01531544 
_atom_sites.fract_transf_vector[1]      0.139617 
_atom_sites.fract_transf_vector[2]      0.256178 
_atom_sites.fract_transf_vector[3]      0.271775 
_atom_sites.solution_primary            ? 
_atom_sites.solution_secondary          ? 
_atom_sites.solution_hydrogens          ? 
_atom_sites.special_details             ? 
# 
loop_
_atom_type.symbol 
_atom_type.scat_dispersion_real 
_atom_type.scat_dispersion_imag 
_atom_type.scat_Cromer_Mann_a1 
_atom_type.scat_Cromer_Mann_a2 
_atom_type.scat_Cromer_Mann_a3 
_atom_type.scat_Cromer_Mann_a4 
_atom_type.scat_Cromer_Mann_b1 
_atom_type.scat_Cromer_Mann_b2 
_atom_type.scat_Cromer_Mann_b3 
_atom_type.scat_Cromer_Mann_b4 
_atom_type.scat_Cromer_Mann_c 
_atom_type.scat_source 
_atom_type.scat_dispersion_source 
C ? ? 3.54356 2.42580 ? ? 25.62398 1.50364 ? ? 0.0 
;2-Gaussian fit: Grosse-Kunstleve RW, Sauter NK, Adams PD: Newsletter of the IUCr Commission on Crystallographic Computing 2004, 3, 22-31.
;
? 
H ? ? 0.51345 0.48472 ? ? 24.73122 6.32584 ? ? 0.0 
;2-Gaussian fit: Grosse-Kunstleve RW, Sauter NK, Adams PD: Newsletter of the IUCr Commission on Crystallographic Computing 2004, 3, 22-31.
;
? 
N ? ? 4.01032 2.96436 ? ? 19.97189 1.75589 ? ? 0.0 
;2-Gaussian fit: Grosse-Kunstleve RW, Sauter NK, Adams PD: Newsletter of the IUCr Commission on Crystallographic Computing 2004, 3, 22-31.
;
? 
O ? ? 4.49882 3.47563 ? ? 15.80542 1.70748 ? ? 0.0 
;2-Gaussian fit: Grosse-Kunstleve RW, Sauter NK, Adams PD: Newsletter of the IUCr Commission on Crystallographic Computing 2004, 3, 22-31.
;
? 
# 
loop_
_atom_site.group_PDB 
_atom_site.id 
_atom_site.type_symbol 
_atom_site.label_atom_id 
_atom_site.label_alt_id 
_atom_site.label_comp_id 
_atom_site.label_asym_id 
_atom_site.label_entity_id 
_atom_site.label_seq_id 
_atom_site.pdbx_PDB_ins_code 
_atom_site.Cartn_x 
_atom_site.Cartn_y 
_atom_site.Cartn_z 
_atom_site.occupancy 
_atom_site.B_iso_or_equiv 
_atom_site.pdbx_formal_charge 
_atom_site.auth_seq_id 
_atom_site.auth_comp_id 
_atom_site.auth_asym_id 
_atom_site.auth_atom_id 
_atom_site.pdbx_PDB_model_num 
ATOM   1   N N    . LEU A 1 1 ? -1.96044 -7.03340 7.27904  1.000 13.09970 ? 1   LEU A N    1 
ATOM   2   C CA   . LEU A 1 1 ? -2.48980 -6.42283 6.02063  1.000 11.82104 ? 1   LEU A CA   1 
ATOM   3   C C    . LEU A 1 1 ? -1.63111 -5.25080 5.75097  1.000 9.69626  ? 1   LEU A C    1 
ATOM   4   O O    . LEU A 1 1 ? -1.37279 -4.44081 6.64786  1.000 10.91414 ? 1   LEU A O    1 
ATOM   5   C CB   . LEU A 1 1 ? -3.93671 -6.01592 6.17353  1.000 15.26987 ? 1   LEU A CB   1 
ATOM   6   C CG   . LEU A 1 1 ? -4.56466 -5.33505 4.96047  1.000 24.07392 ? 1   LEU A CG   1 
ATOM   7   C CD1  . LEU A 1 1 ? -6.08195 -5.49809 4.97323  1.000 40.01916 ? 1   LEU A CD1  1 
ATOM   8   C CD2  . LEU A 1 1 ? -4.19858 -3.88578 4.83619  1.000 20.34010 ? 1   LEU A CD2  1 
ATOM   9   H H1   . LEU A 1 1 ? -2.52237 -7.66259 7.56269  1.000 15.70547 ? 1   LEU A H1   1 
ATOM   10  H H2   . LEU A 1 1 ? -1.16376 -7.39691 7.12008  1.000 15.70547 ? 1   LEU A H2   1 
ATOM   11  H H3   . LEU A 1 1 ? -1.88017 -6.40404 7.90318  1.000 15.70547 ? 1   LEU A H3   1 
ATOM   12  H HA   . LEU A 1 1 ? -2.47903 -7.04498 5.27651  1.000 14.17108 ? 1   LEU A HA   1 
ATOM   13  H HB2  . LEU A 1 1 ? -4.45807 -6.81254 6.35920  1.000 18.30967 ? 1   LEU A HB2  1 
ATOM   14  H HB3  . LEU A 1 1 ? -4.00089 -5.39659 6.91730  1.000 18.30967 ? 1   LEU A HB3  1 
ATOM   15  H HG   . LEU A 1 1 ? -4.20399 -5.77568 4.17519  1.000 28.87453 ? 1   LEU A HG   1 
ATOM   16  H HD11 . LEU A 1 1 ? -6.44125 -5.04918 5.75445  1.000 48.00882 ? 1   LEU A HD11 1 
ATOM   17  H HD12 . LEU A 1 1 ? -6.44882 -5.10310 4.16682  1.000 48.00882 ? 1   LEU A HD12 1 
ATOM   18  H HD13 . LEU A 1 1 ? -6.29775 -6.44320 5.00636  1.000 48.00882 ? 1   LEU A HD13 1 
ATOM   19  H HD21 . LEU A 1 1 ? -4.90025 -3.42323 4.35182  1.000 24.39394 ? 1   LEU A HD21 1 
ATOM   20  H HD22 . LEU A 1 1 ? -4.10424 -3.50663 5.72402  1.000 24.39394 ? 1   LEU A HD22 1 
ATOM   21  H HD23 . LEU A 1 1 ? -3.36002 -3.81209 4.35422  1.000 24.39394 ? 1   LEU A HD23 1 
ATOM   22  N N    . PHE A 1 2 ? -1.18658 -5.12692 4.51554  1.000 9.44719  ? 2   PHE A N    1 
ATOM   23  C CA   . PHE A 1 2 ? -0.28977 -4.07627 4.04499  1.000 9.41695  ? 2   PHE A CA   1 
ATOM   24  C C    . PHE A 1 2 ? -0.85775 -3.52329 2.75317  1.000 8.32080  ? 2   PHE A C    1 
ATOM   25  O O    . PHE A 1 2 ? -1.18846 -4.30646 1.85768  1.000 8.40413  ? 2   PHE A O    1 
ATOM   26  C CB   . PHE A 1 2 ? 1.11599  -4.62492 3.82585  1.000 9.80978  ? 2   PHE A CB   1 
ATOM   27  C CG   . PHE A 1 2 ? 2.06847  -3.61763 3.27355  1.000 11.01830 ? 2   PHE A CG   1 
ATOM   28  C CD1  . PHE A 1 2 ? 2.63535  -2.68068 4.10660  1.000 12.63980 ? 2   PHE A CD1  1 
ATOM   29  C CD2  . PHE A 1 2 ? 2.35324  -3.55486 1.91193  1.000 14.56957 ? 2   PHE A CD2  1 
ATOM   30  C CE1  . PHE A 1 2 ? 3.47756  -1.74335 3.60224  1.000 16.40434 ? 2   PHE A CE1  1 
ATOM   31  C CE2  . PHE A 1 2 ? 3.19849  -2.57838 1.41881  1.000 15.10085 ? 2   PHE A CE2  1 
ATOM   32  C CZ   . PHE A 1 2 ? 3.75136  -1.69452 2.28145  1.000 13.05852 ? 2   PHE A CZ   1 
ATOM   33  H H    . PHE A 1 2 ? -1.40125 -5.67227 3.88617  1.000 11.32246 ? 2   PHE A H    1 
ATOM   34  H HA   . PHE A 1 2 ? -0.23177 -3.35653 4.69269  1.000 11.28616 ? 2   PHE A HA   1 
ATOM   35  H HB2  . PHE A 1 2 ? 1.46807  -4.93194 4.67595  1.000 11.75756 ? 2   PHE A HB2  1 
ATOM   36  H HB3  . PHE A 1 2 ? 1.06921  -5.36424 3.19965  1.000 11.75756 ? 2   PHE A HB3  1 
ATOM   37  H HD1  . PHE A 1 2 ? 2.44127  -2.68964 5.01608  1.000 15.15358 ? 2   PHE A HD1  1 
ATOM   38  H HD2  . PHE A 1 2 ? 1.97265  -4.17336 1.33098  1.000 17.46931 ? 2   PHE A HD2  1 
ATOM   39  H HE1  . PHE A 1 2 ? 3.87172  -1.12577 4.17506  1.000 19.67104 ? 2   PHE A HE1  1 
ATOM   40  H HE2  . PHE A 1 2 ? 3.38413  -2.52972 0.50882  1.000 18.10685 ? 2   PHE A HE2  1 
ATOM   41  H HZ   . PHE A 1 2 ? 4.33008  -1.04201 1.95864  1.000 15.65605 ? 2   PHE A HZ   1 
ATOM   42  N N    . ILE A 1 3 ? -0.88465 -2.19850 2.62228  1.000 8.78089  ? 3   ILE A N    1 
ATOM   43  C CA   A ILE A 1 3 ? -1.30587 -1.54158 1.39399  0.490 8.41897  ? 3   ILE A CA   1 
ATOM   44  C CA   B ILE A 1 3 ? -1.30831 -1.50556 1.39826  0.510 8.19680  ? 3   ILE A CA   1 
ATOM   45  C C    . ILE A 1 3 ? -0.39752 -0.35385 1.14635  1.000 9.34990  ? 3   ILE A C    1 
ATOM   46  O O    . ILE A 1 3 ? -0.11310 0.42695  2.06634  1.000 9.07045  ? 3   ILE A O    1 
ATOM   47  C CB   A ILE A 1 3 ? -2.81331 -1.21090 1.45044  0.490 10.97166 ? 3   ILE A CB   1 
ATOM   48  C CB   B ILE A 1 3 ? -2.74698 -0.92739 1.52609  0.510 12.01997 ? 3   ILE A CB   1 
ATOM   49  C CG1  A ILE A 1 3 ? -3.33115 -0.64573 0.14629  0.490 13.47190 ? 3   ILE A CG1  1 
ATOM   50  C CG1  B ILE A 1 3 ? -3.80491 -2.01695 1.72050  0.510 11.27029 ? 3   ILE A CG1  1 
ATOM   51  C CG2  A ILE A 1 3 ? -3.10896 -0.30400 2.61204  0.490 12.86189 ? 3   ILE A CG2  1 
ATOM   52  C CG2  B ILE A 1 3 ? -3.05545 -0.00947 0.32973  0.510 9.93769  ? 3   ILE A CG2  1 
ATOM   53  C CD1  A ILE A 1 3 ? -4.83587 -0.66438 0.04252  0.490 20.24944 ? 3   ILE A CD1  1 
ATOM   54  C CD1  B ILE A 1 3 ? -5.19101 -1.44839 2.06890  0.510 16.78952 ? 3   ILE A CD1  1 
ATOM   55  H H    A ILE A 1 3 ? -0.65830 -1.65079 3.24549  0.490 10.52289 ? 3   ILE A H    1 
ATOM   56  H H    B ILE A 1 3 ? -0.65477 -1.65545 3.24826  0.510 10.52289 ? 3   ILE A H    1 
ATOM   57  H HA   . ILE A 1 3 ? -1.17974 -2.10848 0.61707  1.000 9.82199  ? 3   ILE A HA   1 
ATOM   58  H HB   A ILE A 1 3 ? -3.28803 -2.04573 1.58680  0.490 13.15182 ? 3   ILE A HB   1 
ATOM   59  H HB   B ILE A 1 3 ? -2.78100 -0.39236 2.33448  0.510 14.40980 ? 3   ILE A HB   1 
ATOM   60  H HG12 A ILE A 1 3 ? -3.03846 0.27554  0.06567  0.490 16.15211 ? 3   ILE A HG12 1 
ATOM   61  H HG12 B ILE A 1 3 ? -3.88754 -2.52642 0.89921  0.510 13.51018 ? 3   ILE A HG12 1 
ATOM   62  H HG13 A ILE A 1 3 ? -2.97552 -1.17218 -0.58670 0.490 16.15211 ? 3   ILE A HG13 1 
ATOM   63  H HG13 B ILE A 1 3 ? -3.52861 -2.59900 2.44560  0.510 13.51018 ? 3   ILE A HG13 1 
ATOM   64  H HG21 A ILE A 1 3 ? -4.06722 -0.16425 2.66767  0.490 15.42009 ? 3   ILE A HG21 1 
ATOM   65  H HG21 B ILE A 1 3 ? -2.64856 0.85750  0.48371  0.510 11.91106 ? 3   ILE A HG21 1 
ATOM   66  H HG22 A ILE A 1 3 ? -2.78745 -0.71993 3.42723  0.490 15.42009 ? 3   ILE A HG22 1 
ATOM   67  H HG22 B ILE A 1 3 ? -2.69070 -0.40761 -0.47609 0.510 11.91106 ? 3   ILE A HG22 1 
ATOM   68  H HG23 A ILE A 1 3 ? -2.65854 0.54382  2.47338  0.490 15.42009 ? 3   ILE A HG23 1 
ATOM   69  H HG23 B ILE A 1 3 ? -4.01695 0.08671  0.24515  0.510 11.91106 ? 3   ILE A HG23 1 
ATOM   70  H HD11 A ILE A 1 3 ? -5.09522 -0.36140 -0.84170 0.490 24.28515 ? 3   ILE A HD11 1 
ATOM   71  H HD11 B ILE A 1 3 ? -5.58421 -1.06321 1.27020  0.510 20.13325 ? 3   ILE A HD11 1 
ATOM   72  H HD12 A ILE A 1 3 ? -5.15122 -1.57016 0.18752  0.490 24.28515 ? 3   ILE A HD12 1 
ATOM   73  H HD12 B ILE A 1 3 ? -5.75251 -2.16633 2.40082  0.510 20.13325 ? 3   ILE A HD12 1 
ATOM   74  H HD13 A ILE A 1 3 ? -5.20626 -0.07329 0.71656  0.490 24.28515 ? 3   ILE A HD13 1 
ATOM   75  H HD13 B ILE A 1 3 ? -5.09004 -0.76543 2.75027  0.510 20.13325 ? 3   ILE A HD13 1 
ATOM   76  N N    . GLU A 1 4 ? 0.05211  -0.21459 -0.08300 1.000 8.59595  ? 4   GLU A N    1 
ATOM   77  C CA   A GLU A 1 4 ? 0.83665  0.93643  -0.47255 0.560 9.40576  ? 4   GLU A CA   1 
ATOM   78  C CA   C GLU A 1 4 ? 0.83865  0.93516  -0.47563 0.440 9.39454  ? 4   GLU A CA   1 
ATOM   79  C C    . GLU A 1 4 ? 0.47159  1.35386  -1.88367 1.000 7.63772  ? 4   GLU A C    1 
ATOM   80  O O    . GLU A 1 4 ? 0.33139  0.49505  -2.77089 1.000 8.57253  ? 4   GLU A O    1 
ATOM   81  C CB   A GLU A 1 4 ? 2.32904  0.64896  -0.35748 0.560 10.49004 ? 4   GLU A CB   1 
ATOM   82  C CB   C GLU A 1 4 ? 2.33404  0.61483  -0.43055 0.440 10.70783 ? 4   GLU A CB   1 
ATOM   83  C CG   A GLU A 1 4 ? 3.20660  1.72368  -0.94997 0.560 9.65749  ? 4   GLU A CG   1 
ATOM   84  C CG   C GLU A 1 4 ? 3.23869  1.80635  -0.70605 0.440 13.06618 ? 4   GLU A CG   1 
ATOM   85  C CD   A GLU A 1 4 ? 4.61714  1.71147  -0.39308 0.560 14.44570 ? 4   GLU A CD   1 
ATOM   86  C CD   C GLU A 1 4 ? 4.71101  1.48719  -0.54398 0.440 13.60370 ? 4   GLU A CD   1 
ATOM   87  O OE1  A GLU A 1 4 ? 5.08291  0.64714  0.05616  0.560 12.71232 ? 4   GLU A OE1  1 
ATOM   88  O OE1  C GLU A 1 4 ? 5.15066  1.24242  0.58837  0.440 12.36758 ? 4   GLU A OE1  1 
ATOM   89  O OE2  A GLU A 1 4 ? 5.26268  2.79931  -0.36942 0.560 18.28127 ? 4   GLU A OE2  1 
ATOM   90  O OE2  C GLU A 1 4 ? 5.46295  1.54326  -1.53509 0.440 20.61947 ? 4   GLU A OE2  1 
ATOM   91  H H    . GLU A 1 4 ? -0.08616 -0.78031 -0.71580 1.000 10.30096 ? 4   GLU A H    1 
ATOM   92  H HA   . GLU A 1 4 ? 0.63137  1.68576  0.10820  1.000 11.25928 ? 4   GLU A HA   1 
ATOM   93  H HB2  A GLU A 1 4 ? 2.55818  0.56467  0.58128  0.560 12.57387 ? 4   GLU A HB2  1 
ATOM   94  H HB2  C GLU A 1 4 ? 2.55212  0.27853  0.45277  0.440 12.83522 ? 4   GLU A HB2  1 
ATOM   95  H HB3  A GLU A 1 4 ? 2.52291  -0.18019 -0.82206 0.560 12.57387 ? 4   GLU A HB3  1 
ATOM   96  H HB3  C GLU A 1 4 ? 2.52625  -0.06075 -1.09953 0.440 12.83522 ? 4   GLU A HB3  1 
ATOM   97  H HG2  A GLU A 1 4 ? 3.26289  1.59120  -1.90923 0.560 11.57481 ? 4   GLU A HG2  1 
ATOM   98  H HG2  C GLU A 1 4 ? 3.09690  2.10464  -1.61809 0.440 15.66525 ? 4   GLU A HG2  1 
ATOM   99  H HG3  A GLU A 1 4 ? 2.81670  2.59069  -0.75713 0.560 11.57481 ? 4   GLU A HG3  1 
ATOM   100 H HG3  C GLU A 1 4 ? 3.01801  2.51880  -0.08589 0.440 15.66525 ? 4   GLU A HG3  1 
ATOM   101 N N    . TRP A 1 5 ? 0.38799  2.65216  -2.10029 1.000 7.99809  ? 5   TRP A N    1 
ATOM   102 C CA   A TRP A 1 5 ? 0.26342  3.25594  -3.42228 0.580 8.20671  ? 5   TRP A CA   1 
ATOM   103 C CA   C TRP A 1 5 ? 0.38250  3.14550  -3.46324 0.420 8.10094  ? 5   TRP A CA   1 
ATOM   104 C C    . TRP A 1 5 ? 1.36566  4.29286  -3.57664 1.000 9.72493  ? 5   TRP A C    1 
ATOM   105 O O    . TRP A 1 5 ? 1.60907  5.06320  -2.64908 1.000 9.27336  ? 5   TRP A O    1 
ATOM   106 C CB   A TRP A 1 5 ? -1.09245 3.94650  -3.56123 0.580 12.20730 ? 5   TRP A CB   1 
ATOM   107 C CB   C TRP A 1 5 ? -0.99014 3.47279  -4.02336 0.420 10.80619 ? 5   TRP A CB   1 
ATOM   108 C CG   A TRP A 1 5 ? -1.28700 4.55099  -4.92320 0.580 17.99623 ? 5   TRP A CG   1 
ATOM   109 C CG   C TRP A 1 5 ? -1.74318 4.48635  -3.26105 0.420 10.92679 ? 5   TRP A CG   1 
ATOM   110 C CD1  A TRP A 1 5 ? -1.92862 3.98573  -5.98319 0.580 20.68814 ? 5   TRP A CD1  1 
ATOM   111 C CD1  C TRP A 1 5 ? -1.55017 5.83851  -3.26637 0.420 11.19956 ? 5   TRP A CD1  1 
ATOM   112 C CD2  A TRP A 1 5 ? -0.80821 5.81910  -5.36701 0.580 25.25670 ? 5   TRP A CD2  1 
ATOM   113 C CD2  C TRP A 1 5 ? -2.85962 4.25031  -2.41095 0.420 12.48480 ? 5   TRP A CD2  1 
ATOM   114 N NE1  A TRP A 1 5 ? -1.88598 4.82979  -7.07052 0.580 22.22081 ? 5   TRP A NE1  1 
ATOM   115 N NE1  C TRP A 1 5 ? -2.47055 6.44428  -2.45954 0.420 15.64157 ? 5   TRP A NE1  1 
ATOM   116 C CE2  A TRP A 1 5 ? -1.19874 5.96238  -6.71499 0.580 21.18647 ? 5   TRP A CE2  1 
ATOM   117 C CE2  C TRP A 1 5 ? -3.28797 5.49341  -1.92048 0.420 13.24189 ? 5   TRP A CE2  1 
ATOM   118 C CE3  A TRP A 1 5 ? -0.08224 6.85112  -4.76190 0.580 18.91948 ? 5   TRP A CE3  1 
ATOM   119 C CE3  C TRP A 1 5 ? -3.53522 3.10239  -2.00532 0.420 13.42466 ? 5   TRP A CE3  1 
ATOM   120 C CZ2  A TRP A 1 5 ? -0.89469 7.10249  -7.46169 0.580 31.84734 ? 5   TRP A CZ2  1 
ATOM   121 C CZ2  C TRP A 1 5 ? -4.35839 5.61719  -1.03165 0.420 13.53476 ? 5   TRP A CZ2  1 
ATOM   122 C CZ3  A TRP A 1 5 ? 0.22202  7.97576  -5.50764 0.580 28.00253 ? 5   TRP A CZ3  1 
ATOM   123 C CZ3  C TRP A 1 5 ? -4.60284 3.22955  -1.13689 0.420 13.84142 ? 5   TRP A CZ3  1 
ATOM   124 C CH2  A TRP A 1 5 ? -0.18597 8.09498  -6.84006 0.580 28.50060 ? 5   TRP A CH2  1 
ATOM   125 C CH2  C TRP A 1 5 ? -4.99607 4.47788  -0.65467 0.420 15.39910 ? 5   TRP A CH2  1 
ATOM   126 H H    A TRP A 1 5 ? 0.40144  3.23685  -1.46977 0.580 9.58353  ? 5   TRP A H    1 
ATOM   127 H H    C TRP A 1 5 ? 0.33465  3.25390  -1.48820 0.420 9.58353  ? 5   TRP A H    1 
ATOM   128 H HA   A TRP A 1 5 ? 0.35189  2.58499  -4.11719 0.580 9.83388  ? 5   TRP A HA   1 
ATOM   129 H HA   C TRP A 1 5 ? 0.69056  2.43977  -4.05310 0.420 9.70695  ? 5   TRP A HA   1 
ATOM   130 H HB2  A TRP A 1 5 ? -1.79680 3.29557  -3.41602 0.580 14.63458 ? 5   TRP A HB2  1 
ATOM   131 H HB2  C TRP A 1 5 ? -0.88202 3.80838  -4.92701 0.420 12.95325 ? 5   TRP A HB2  1 
ATOM   132 H HB3  A TRP A 1 5 ? -1.15616 4.65656  -2.90348 0.580 14.63458 ? 5   TRP A HB3  1 
ATOM   133 H HB3  C TRP A 1 5 ? -1.52076 2.66085  -4.03226 0.420 12.95325 ? 5   TRP A HB3  1 
ATOM   134 H HD1  A TRP A 1 5 ? -2.33676 3.15011  -5.97406 0.580 24.81160 ? 5   TRP A HD1  1 
ATOM   135 H HD1  C TRP A 1 5 ? -0.88947 6.28132  -3.74834 0.420 13.42530 ? 5   TRP A HD1  1 
ATOM   136 H HE1  A TRP A 1 5 ? -2.23185 4.67322  -7.84217 0.580 26.65080 ? 5   TRP A HE1  1 
ATOM   137 H HE1  C TRP A 1 5 ? -2.52621 7.29009  -2.31425 0.420 18.75571 ? 5   TRP A HE1  1 
ATOM   138 H HE3  A TRP A 1 5 ? 0.19042  6.78221  -3.87544 0.580 22.68921 ? 5   TRP A HE3  1 
ATOM   139 H HE3  C TRP A 1 5 ? -3.27276 2.26502  -2.31327 0.420 16.09541 ? 5   TRP A HE3  1 
ATOM   140 H HZ2  A TRP A 1 5 ? -1.16363 7.18445  -8.34818 0.580 38.20264 ? 5   TRP A HZ2  1 
ATOM   141 H HZ2  C TRP A 1 5 ? -4.62469 6.44814  -0.70992 0.420 16.22754 ? 5   TRP A HZ2  1 
ATOM   142 H HZ3  A TRP A 1 5 ? 0.70706  8.66564  -5.11558 0.580 33.58886 ? 5   TRP A HZ3  1 
ATOM   143 H HZ3  C TRP A 1 5 ? -5.06718 2.46948  -0.86934 0.420 16.59553 ? 5   TRP A HZ3  1 
ATOM   144 H HH2  A TRP A 1 5 ? 0.02900  8.86561  -7.31422 0.580 34.18655 ? 5   TRP A HH2  1 
ATOM   145 H HH2  C TRP A 1 5 ? -5.71065 4.53174  -0.06190 0.420 18.46474 ? 5   TRP A HH2  1 
ATOM   146 N N    . LEU A 1 6 ? 1.95603  4.34522  -4.74360 1.000 10.10139 ? 6   LEU A N    1 
ATOM   147 C CA   . LEU A 1 6 ? 3.07254  5.27320  -5.02417 1.000 13.10056 ? 6   LEU A CA   1 
ATOM   148 C C    . LEU A 1 6 ? 2.95246  5.78947  -6.41971 1.000 10.87843 ? 6   LEU A C    1 
ATOM   149 O O    . LEU A 1 6 ? 3.33122  6.93171  -6.70523 1.000 12.33558 ? 6   LEU A O    1 
ATOM   150 C CB   . LEU A 1 6 ? 4.35645  4.42486  -4.88210 1.000 23.45349 ? 6   LEU A CB   1 
ATOM   151 C CG   . LEU A 1 6 ? 5.73772  5.00128  -5.01203 1.000 43.78050 ? 6   LEU A CG   1 
ATOM   152 C CD1  . LEU A 1 6 ? 6.59988  4.20508  -4.06489 1.000 57.16523 ? 6   LEU A CD1  1 
ATOM   153 C CD2  . LEU A 1 6 ? 6.21828  4.85916  -6.41733 1.000 38.49448 ? 6   LEU A CD2  1 
ATOM   154 O OXT  . LEU A 1 6 ? 2.57315  5.02431  -7.32992 1.000 11.52370 ? 6   LEU A OXT  1 
ATOM   155 H H    . LEU A 1 6 ? 1.73992  3.85328  -5.41508 1.000 12.10750 ? 6   LEU A H    1 
ATOM   156 H HA   . LEU A 1 6 ? 3.09242  6.03887  -4.42899 1.000 15.70650 ? 6   LEU A HA   1 
ATOM   157 H HB2  . LEU A 1 6 ? 4.32661  4.02811  -3.99745 1.000 28.13001 ? 6   LEU A HB2  1 
ATOM   158 H HB3  . LEU A 1 6 ? 4.30348  3.73167  -5.55854 1.000 28.13001 ? 6   LEU A HB3  1 
ATOM   159 H HG   . LEU A 1 6 ? 5.77046  5.94727  -4.80004 1.000 52.52242 ? 6   LEU A HG   1 
ATOM   160 H HD11 . LEU A 1 6 ? 6.39604  3.26246  -4.16893 1.000 68.58410 ? 6   LEU A HD11 1 
ATOM   161 H HD12 . LEU A 1 6 ? 7.53285  4.36693  -4.27527 1.000 68.58410 ? 6   LEU A HD12 1 
ATOM   162 H HD13 . LEU A 1 6 ? 6.41236  4.48565  -3.15549 1.000 68.58410 ? 6   LEU A HD13 1 
ATOM   163 H HD21 . LEU A 1 6 ? 5.58564  5.29079  -7.01260 1.000 46.17920 ? 6   LEU A HD21 1 
ATOM   164 H HD22 . LEU A 1 6 ? 7.08838  5.28032  -6.49766 1.000 46.17920 ? 6   LEU A HD22 1 
ATOM   165 H HD23 . LEU A 1 6 ? 6.28597  3.91611  -6.63408 1.000 46.17920 ? 6   LEU A HD23 1 
HETATM 166 O O    . HOH B 2 . ? -2.22375 5.43976  -8.92032 0.500 28.96065 ? 101 HOH A O    1 
HETATM 167 O O    . HOH B 2 . ? -0.21350 5.00663  -9.08401 0.500 21.14793 ? 102 HOH A O    1 
HETATM 168 O O    A HOH B 2 . ? 0.89161  -7.26744 6.71843  0.500 19.85219 ? 103 HOH A O    1 
HETATM 169 O O    B HOH B 2 . ? 2.36253  -6.41916 7.21819  0.500 22.87825 ? 103 HOH A O    1 
HETATM 170 O O    C HOH B 2 . ? -0.95325 5.07871  -7.05549 0.420 18.53480 ? 104 HOH A O    1 
HETATM 171 O O    A HOH B 2 . ? -4.77692 5.33822  -5.06188 0.580 39.39895 ? 105 HOH A O    1 
# 
